data_4ISC
#
_entry.id   4ISC
#
_cell.length_a   43.460
_cell.length_b   43.460
_cell.length_c   181.290
_cell.angle_alpha   90.00
_cell.angle_beta   90.00
_cell.angle_gamma   90.00
#
_symmetry.space_group_name_H-M   'P 43 21 2'
#
loop_
_entity.id
_entity.type
_entity.pdbx_description
1 polymer Methyltransferase
2 non-polymer BETA-MERCAPTOETHANOL
3 water water
#
_entity_poly.entity_id   1
_entity_poly.type   'polypeptide(L)'
_entity_poly.pdbx_seq_one_letter_code
;RWYERRKRALTLAALPRERYRAIFEPGCANGELSADLAERCD(MSE)LVCCDTSTQAVELARQRLADVPHARVVQARLPH
QWPAGQFDLIVFSELGYYLDAADLHRLIDCALAALSPDGQLLACHWRPDIEGCPLNAQAVHAILAERLS(MSE)HRLFSH
HEQDFLLDLWSR
;
_entity_poly.pdbx_strand_id   A
#
# COMPACT_ATOMS: atom_id res chain seq x y z
N ARG A 1 -17.32 -10.28 -10.01
CA ARG A 1 -16.38 -9.61 -9.05
C ARG A 1 -15.64 -10.61 -8.15
N TRP A 2 -15.83 -11.91 -8.41
CA TRP A 2 -15.27 -12.97 -7.56
C TRP A 2 -13.77 -12.82 -7.42
N TYR A 3 -13.12 -12.60 -8.56
CA TYR A 3 -11.68 -12.50 -8.67
C TYR A 3 -11.11 -11.39 -7.84
N GLU A 4 -11.74 -10.22 -7.94
CA GLU A 4 -11.33 -9.05 -7.19
C GLU A 4 -11.54 -9.38 -5.74
N ARG A 5 -12.58 -10.15 -5.41
CA ARG A 5 -12.93 -10.40 -4.01
C ARG A 5 -11.92 -11.36 -3.37
N ARG A 6 -11.54 -12.38 -4.13
CA ARG A 6 -10.43 -13.24 -3.77
C ARG A 6 -9.05 -12.54 -3.62
N LYS A 7 -8.69 -11.64 -4.54
CA LYS A 7 -7.43 -10.92 -4.41
C LYS A 7 -7.38 -10.11 -3.10
N ARG A 8 -8.54 -9.70 -2.60
CA ARG A 8 -8.56 -8.95 -1.34
C ARG A 8 -8.56 -9.88 -0.14
N ALA A 9 -9.31 -10.96 -0.26
CA ALA A 9 -9.34 -11.93 0.81
C ALA A 9 -7.89 -12.39 1.04
N LEU A 10 -7.21 -12.70 -0.08
CA LEU A 10 -5.82 -13.17 -0.05
C LEU A 10 -4.84 -12.12 0.51
N THR A 11 -5.00 -10.87 0.06
CA THR A 11 -4.18 -9.74 0.53
C THR A 11 -4.28 -9.57 2.03
N LEU A 12 -5.50 -9.53 2.58
CA LEU A 12 -5.67 -9.33 4.03
C LEU A 12 -5.19 -10.52 4.90
N ALA A 13 -5.27 -11.73 4.33
CA ALA A 13 -4.85 -12.95 5.01
C ALA A 13 -3.32 -13.11 4.94
N ALA A 14 -2.70 -12.49 3.93
CA ALA A 14 -1.24 -12.50 3.80
C ALA A 14 -0.50 -11.78 4.97
N LEU A 15 -1.22 -10.96 5.73
CA LEU A 15 -0.59 -10.18 6.78
C LEU A 15 -0.26 -11.01 8.03
N PRO A 16 1.04 -11.11 8.39
CA PRO A 16 1.37 -11.92 9.57
C PRO A 16 0.72 -11.44 10.86
N ARG A 17 0.71 -10.14 11.09
CA ARG A 17 0.40 -9.63 12.45
C ARG A 17 -1.06 -9.28 12.48
N GLU A 18 -1.69 -9.50 13.63
CA GLU A 18 -3.12 -9.32 13.72
C GLU A 18 -3.52 -7.86 13.60
N ARG A 19 -2.88 -6.98 14.37
CA ARG A 19 -3.11 -5.56 14.23
C ARG A 19 -1.80 -4.76 14.04
N TYR A 20 -1.91 -3.53 13.54
CA TYR A 20 -0.75 -2.64 13.33
C TYR A 20 -1.01 -1.27 13.93
N ARG A 21 0.02 -0.66 14.52
CA ARG A 21 -0.04 0.74 15.05
C ARG A 21 -0.53 1.69 13.95
N ALA A 22 0.29 1.86 12.90
CA ALA A 22 0.07 2.85 11.85
C ALA A 22 0.23 2.26 10.43
N ILE A 23 -0.85 2.30 9.64
CA ILE A 23 -0.79 1.86 8.24
C ILE A 23 -0.89 3.02 7.26
N PHE A 24 -0.15 2.96 6.18
CA PHE A 24 -0.18 4.08 5.26
C PHE A 24 -0.07 3.62 3.83
N GLU A 25 -0.80 4.28 2.95
CA GLU A 25 -0.83 3.93 1.56
C GLU A 25 -0.62 5.17 0.70
N PRO A 26 0.38 5.12 -0.21
CA PRO A 26 0.53 6.18 -1.19
C PRO A 26 -0.53 6.11 -2.29
N GLY A 27 -1.80 6.23 -1.89
CA GLY A 27 -2.91 6.13 -2.83
C GLY A 27 -4.18 6.06 -2.04
N CYS A 28 -5.19 6.76 -2.50
CA CYS A 28 -6.48 6.64 -1.88
C CYS A 28 -7.52 5.99 -2.80
N ALA A 29 -7.12 5.65 -4.02
CA ALA A 29 -8.06 5.17 -5.04
C ALA A 29 -8.63 3.77 -4.76
N ASN A 30 -7.89 3.00 -3.97
CA ASN A 30 -8.32 1.65 -3.66
C ASN A 30 -9.21 1.60 -2.44
N GLY A 31 -10.48 1.94 -2.68
CA GLY A 31 -11.42 2.24 -1.61
C GLY A 31 -11.87 1.14 -0.67
N GLU A 32 -11.91 -0.09 -1.14
CA GLU A 32 -12.50 -1.11 -0.33
C GLU A 32 -11.43 -1.78 0.51
N LEU A 33 -10.25 -1.94 -0.07
CA LEU A 33 -9.06 -2.32 0.69
C LEU A 33 -8.90 -1.38 1.87
N SER A 34 -9.02 -0.06 1.63
CA SER A 34 -8.80 0.89 2.72
C SER A 34 -9.79 0.65 3.84
N ALA A 35 -11.06 0.49 3.48
CA ALA A 35 -12.05 0.06 4.44
C ALA A 35 -11.57 -1.12 5.31
N ASP A 36 -11.05 -2.16 4.64
CA ASP A 36 -10.66 -3.41 5.28
C ASP A 36 -9.39 -3.33 6.08
N LEU A 37 -8.40 -2.55 5.62
CA LEU A 37 -7.21 -2.24 6.44
C LEU A 37 -7.56 -1.44 7.70
N ALA A 38 -8.58 -0.61 7.58
CA ALA A 38 -8.94 0.24 8.66
C ALA A 38 -9.18 -0.62 9.88
N GLU A 39 -9.96 -1.69 9.72
CA GLU A 39 -10.25 -2.61 10.83
C GLU A 39 -9.05 -3.49 11.25
N ARG A 40 -7.83 -3.14 10.87
CA ARG A 40 -6.62 -3.90 11.27
C ARG A 40 -5.51 -3.01 11.87
N CYS A 41 -5.84 -1.75 12.15
CA CYS A 41 -4.85 -0.86 12.72
C CYS A 41 -5.47 0.16 13.63
N ASP A 42 -4.61 0.86 14.35
CA ASP A 42 -5.02 1.94 15.23
C ASP A 42 -5.11 3.26 14.45
N LEU A 44 -5.01 4.67 10.18
CA LEU A 44 -4.84 4.52 8.75
C LEU A 44 -4.57 5.90 8.18
N VAL A 45 -3.67 5.99 7.22
CA VAL A 45 -3.54 7.26 6.52
C VAL A 45 -3.34 6.97 5.05
N CYS A 46 -4.05 7.68 4.19
CA CYS A 46 -3.77 7.60 2.79
C CYS A 46 -3.49 8.97 2.22
N CYS A 47 -2.50 9.05 1.35
CA CYS A 47 -2.10 10.30 0.71
C CYS A 47 -2.20 10.12 -0.81
N ASP A 48 -2.80 11.09 -1.51
CA ASP A 48 -2.97 11.01 -2.97
C ASP A 48 -2.76 12.37 -3.61
N THR A 49 -2.37 12.36 -4.88
CA THR A 49 -2.27 13.61 -5.66
C THR A 49 -3.62 14.06 -6.19
N SER A 50 -4.36 13.14 -6.81
CA SER A 50 -5.65 13.46 -7.43
C SER A 50 -6.71 13.90 -6.42
N THR A 51 -7.36 15.03 -6.66
CA THR A 51 -8.32 15.56 -5.68
C THR A 51 -9.65 14.74 -5.63
N GLN A 52 -9.93 14.00 -6.69
CA GLN A 52 -11.14 13.17 -6.75
C GLN A 52 -11.08 11.96 -5.84
N ALA A 53 -9.90 11.31 -5.83
CA ALA A 53 -9.64 10.16 -4.99
C ALA A 53 -9.65 10.59 -3.53
N VAL A 54 -9.12 11.79 -3.25
CA VAL A 54 -9.04 12.26 -1.90
C VAL A 54 -10.47 12.50 -1.39
N GLU A 55 -11.30 13.18 -2.23
CA GLU A 55 -12.67 13.50 -1.86
C GLU A 55 -13.45 12.21 -1.60
N LEU A 56 -13.31 11.24 -2.49
CA LEU A 56 -13.93 9.94 -2.30
C LEU A 56 -13.54 9.24 -1.01
N ALA A 57 -12.24 9.00 -0.83
CA ALA A 57 -11.70 8.43 0.40
C ALA A 57 -12.24 9.16 1.65
N ARG A 58 -12.27 10.48 1.63
CA ARG A 58 -12.91 11.26 2.68
C ARG A 58 -14.33 10.79 3.00
N GLN A 59 -15.08 10.39 1.99
CA GLN A 59 -16.44 9.88 2.24
C GLN A 59 -16.40 8.43 2.68
N ARG A 60 -15.82 7.57 1.86
CA ARG A 60 -15.80 6.14 2.15
C ARG A 60 -15.42 5.94 3.63
N LEU A 61 -14.60 6.87 4.15
CA LEU A 61 -13.92 6.73 5.46
C LEU A 61 -14.48 7.70 6.55
N ALA A 62 -15.78 7.89 6.51
CA ALA A 62 -16.44 8.79 7.45
C ALA A 62 -16.60 8.11 8.81
N ASP A 63 -17.33 6.99 8.85
CA ASP A 63 -17.60 6.27 10.09
C ASP A 63 -16.40 5.51 10.64
N VAL A 64 -15.21 6.03 10.32
CA VAL A 64 -13.91 5.41 10.63
C VAL A 64 -13.03 6.57 11.10
N PRO A 65 -13.22 6.97 12.38
CA PRO A 65 -12.61 8.17 12.95
C PRO A 65 -11.08 8.14 13.04
N HIS A 66 -10.49 6.95 13.03
CA HIS A 66 -9.02 6.81 13.12
C HIS A 66 -8.28 6.82 11.78
N ALA A 67 -9.04 6.83 10.68
CA ALA A 67 -8.47 7.04 9.35
C ALA A 67 -8.28 8.52 9.13
N ARG A 68 -7.33 8.87 8.28
CA ARG A 68 -7.03 10.26 7.94
C ARG A 68 -6.58 10.35 6.47
N VAL A 69 -7.14 11.29 5.70
CA VAL A 69 -6.84 11.38 4.28
C VAL A 69 -6.12 12.64 3.93
N VAL A 70 -4.96 12.54 3.31
CA VAL A 70 -4.13 13.68 2.94
C VAL A 70 -4.02 13.86 1.41
N GLN A 71 -3.83 15.09 0.96
CA GLN A 71 -3.57 15.39 -0.45
C GLN A 71 -2.19 16.05 -0.59
N ALA A 72 -1.47 15.69 -1.63
CA ALA A 72 -0.15 16.27 -1.91
C ALA A 72 -0.06 16.56 -3.41
N ARG A 73 0.66 17.62 -3.78
CA ARG A 73 0.91 17.93 -5.19
C ARG A 73 1.86 16.91 -5.90
N LEU A 74 2.85 16.38 -5.17
CA LEU A 74 3.84 15.45 -5.72
C LEU A 74 3.80 14.14 -4.96
N PRO A 75 4.04 13.02 -5.65
CA PRO A 75 4.00 11.66 -5.08
C PRO A 75 5.11 11.32 -4.06
N HIS A 76 6.19 12.10 -4.07
CA HIS A 76 7.29 11.86 -3.14
C HIS A 76 7.22 12.89 -1.97
N GLN A 77 6.02 13.42 -1.74
CA GLN A 77 5.76 14.43 -0.72
C GLN A 77 4.85 13.86 0.33
N TRP A 78 5.39 12.97 1.16
CA TRP A 78 4.58 12.23 2.14
C TRP A 78 4.23 13.02 3.40
N PRO A 79 3.17 12.59 4.12
CA PRO A 79 2.91 13.22 5.42
C PRO A 79 3.92 12.79 6.50
N ALA A 80 3.99 13.59 7.56
CA ALA A 80 4.73 13.23 8.79
C ALA A 80 4.19 11.92 9.37
N GLY A 81 5.04 11.19 10.07
CA GLY A 81 4.66 9.89 10.61
C GLY A 81 5.62 8.76 10.36
N GLN A 82 5.50 7.76 11.21
CA GLN A 82 6.36 6.59 11.23
C GLN A 82 5.40 5.39 11.22
N PHE A 83 5.51 4.53 10.18
CA PHE A 83 4.50 3.48 9.93
C PHE A 83 5.06 2.07 9.99
N ASP A 84 4.30 1.18 10.62
CA ASP A 84 4.73 -0.22 10.75
C ASP A 84 4.17 -1.09 9.64
N LEU A 85 3.27 -0.51 8.83
CA LEU A 85 2.83 -1.14 7.57
C LEU A 85 2.53 -0.12 6.44
N ILE A 86 3.31 -0.22 5.35
CA ILE A 86 3.13 0.58 4.13
C ILE A 86 2.65 -0.31 2.98
N VAL A 87 1.58 0.10 2.30
CA VAL A 87 0.93 -0.75 1.30
C VAL A 87 0.95 -0.16 -0.11
N PHE A 88 1.42 -0.94 -1.10
CA PHE A 88 1.56 -0.45 -2.46
C PHE A 88 0.63 -1.24 -3.37
N SER A 89 -0.38 -0.58 -3.96
CA SER A 89 -1.38 -1.33 -4.76
C SER A 89 -1.71 -0.86 -6.23
N GLU A 90 -1.55 0.42 -6.56
CA GLU A 90 -2.00 0.93 -7.86
C GLU A 90 -0.81 1.17 -8.69
N LEU A 91 -0.70 0.38 -9.78
CA LEU A 91 0.20 0.69 -10.90
C LEU A 91 -0.25 2.04 -11.47
N TYR A 94 5.31 3.87 -10.33
CA TYR A 94 4.38 4.88 -10.85
C TYR A 94 4.38 5.01 -12.38
N LEU A 95 5.53 5.27 -12.99
CA LEU A 95 5.58 5.56 -14.42
C LEU A 95 6.90 5.17 -15.08
N ASP A 96 7.97 5.06 -14.28
CA ASP A 96 9.27 4.46 -14.67
C ASP A 96 10.14 4.21 -13.45
N ALA A 97 11.30 3.59 -13.68
CA ALA A 97 12.10 3.06 -12.60
C ALA A 97 12.51 4.11 -11.56
N ALA A 98 12.92 5.31 -12.01
CA ALA A 98 13.27 6.40 -11.11
C ALA A 98 12.14 6.75 -10.13
N ASP A 99 10.94 7.06 -10.67
CA ASP A 99 9.76 7.37 -9.83
C ASP A 99 9.59 6.24 -8.84
N LEU A 100 9.61 4.99 -9.29
CA LEU A 100 9.41 3.93 -8.30
C LEU A 100 10.50 3.93 -7.20
N HIS A 101 11.77 4.10 -7.58
CA HIS A 101 12.85 4.19 -6.61
C HIS A 101 12.58 5.23 -5.53
N ARG A 102 12.01 6.38 -5.91
CA ARG A 102 11.71 7.45 -4.97
C ARG A 102 10.62 7.07 -3.94
N LEU A 103 9.62 6.31 -4.38
CA LEU A 103 8.62 5.77 -3.45
C LEU A 103 9.24 4.82 -2.46
N ILE A 104 10.00 3.87 -2.96
CA ILE A 104 10.74 2.91 -2.10
C ILE A 104 11.62 3.71 -1.12
N ASP A 105 12.08 4.88 -1.55
CA ASP A 105 12.97 5.64 -0.69
C ASP A 105 12.24 6.23 0.50
N CYS A 106 11.18 6.93 0.19
CA CYS A 106 10.21 7.38 1.14
C CYS A 106 9.70 6.22 2.01
N ALA A 107 9.48 5.05 1.42
CA ALA A 107 9.02 3.88 2.18
C ALA A 107 10.05 3.48 3.20
N LEU A 108 11.29 3.36 2.76
CA LEU A 108 12.38 3.04 3.68
C LEU A 108 12.54 4.03 4.84
N ALA A 109 12.43 5.33 4.58
CA ALA A 109 12.54 6.37 5.63
C ALA A 109 11.45 6.22 6.69
N ALA A 110 10.23 6.03 6.24
CA ALA A 110 9.04 6.05 7.10
C ALA A 110 8.73 4.76 7.88
N LEU A 111 9.29 3.63 7.45
CA LEU A 111 9.02 2.33 8.10
C LEU A 111 9.53 2.24 9.53
N SER A 112 8.68 1.78 10.44
CA SER A 112 9.10 1.49 11.80
C SER A 112 10.23 0.42 11.82
N PRO A 113 11.02 0.32 12.93
CA PRO A 113 12.14 -0.64 12.95
C PRO A 113 11.74 -2.09 12.71
N ASP A 114 10.44 -2.34 12.74
CA ASP A 114 9.86 -3.66 12.50
C ASP A 114 8.77 -3.53 11.43
N GLY A 115 8.96 -2.59 10.52
CA GLY A 115 7.93 -2.33 9.54
C GLY A 115 7.79 -3.45 8.53
N GLN A 116 6.59 -3.63 7.99
CA GLN A 116 6.35 -4.53 6.85
C GLN A 116 5.88 -3.76 5.64
N LEU A 117 6.15 -4.29 4.46
CA LEU A 117 5.68 -3.68 3.24
C LEU A 117 4.98 -4.72 2.37
N LEU A 118 3.74 -4.40 2.00
CA LEU A 118 2.81 -5.22 1.24
C LEU A 118 2.60 -4.56 -0.12
N ALA A 119 2.61 -5.37 -1.16
CA ALA A 119 2.66 -4.89 -2.54
C ALA A 119 1.68 -5.75 -3.28
N CYS A 120 0.74 -5.16 -4.00
CA CYS A 120 -0.26 -6.00 -4.70
C CYS A 120 -0.81 -5.39 -5.98
N HIS A 121 -0.53 -5.99 -7.13
CA HIS A 121 -0.89 -5.35 -8.39
C HIS A 121 -1.57 -6.34 -9.33
N TRP A 122 -2.67 -5.92 -9.93
CA TRP A 122 -3.15 -6.59 -11.11
C TRP A 122 -2.03 -6.52 -12.13
N ARG A 123 -2.03 -7.41 -13.11
CA ARG A 123 -1.15 -7.24 -14.25
C ARG A 123 -1.89 -7.18 -15.58
N PRO A 124 -2.07 -5.97 -16.09
CA PRO A 124 -2.38 -5.84 -17.52
C PRO A 124 -1.14 -6.09 -18.41
N LEU A 131 6.60 0.56 -17.17
CA LEU A 131 7.00 -0.59 -16.41
C LEU A 131 5.81 -1.39 -15.86
N ASN A 132 5.79 -2.70 -16.07
CA ASN A 132 4.62 -3.52 -15.75
C ASN A 132 4.59 -4.04 -14.29
N ALA A 133 3.55 -4.79 -13.89
CA ALA A 133 3.49 -5.23 -12.46
C ALA A 133 4.65 -6.14 -12.04
N GLN A 134 5.17 -6.92 -12.98
CA GLN A 134 6.30 -7.83 -12.72
C GLN A 134 7.67 -7.14 -12.45
N ALA A 135 7.95 -6.08 -13.19
CA ALA A 135 9.07 -5.23 -12.92
C ALA A 135 8.84 -4.45 -11.60
N VAL A 136 7.57 -4.15 -11.27
CA VAL A 136 7.35 -3.37 -10.07
C VAL A 136 7.83 -4.20 -8.91
N HIS A 137 7.36 -5.45 -8.84
CA HIS A 137 7.72 -6.32 -7.74
C HIS A 137 9.18 -6.76 -7.76
N ALA A 138 9.79 -6.81 -8.94
CA ALA A 138 11.18 -7.18 -9.00
C ALA A 138 12.03 -6.03 -8.42
N ILE A 139 11.70 -4.81 -8.80
CA ILE A 139 12.41 -3.65 -8.28
C ILE A 139 12.28 -3.60 -6.75
N LEU A 140 11.06 -3.72 -6.23
CA LEU A 140 10.85 -3.85 -4.78
C LEU A 140 11.81 -4.91 -4.15
N ALA A 141 11.79 -6.11 -4.75
CA ALA A 141 12.52 -7.26 -4.26
C ALA A 141 13.94 -6.83 -3.99
N GLU A 142 14.46 -6.07 -4.96
CA GLU A 142 15.87 -5.83 -5.10
C GLU A 142 16.34 -4.68 -4.23
N ARG A 143 15.49 -3.68 -4.05
CA ARG A 143 15.79 -2.44 -3.29
C ARG A 143 15.54 -2.51 -1.80
N LEU A 144 14.56 -3.27 -1.32
CA LEU A 144 14.16 -3.11 0.07
C LEU A 144 15.15 -3.76 1.05
N SER A 145 15.78 -4.86 0.64
CA SER A 145 16.69 -5.65 1.50
C SER A 145 15.98 -6.10 2.78
N HIS A 147 13.31 -9.28 4.44
CA HIS A 147 12.84 -10.64 4.26
C HIS A 147 11.53 -10.70 3.48
N ARG A 148 11.47 -11.52 2.43
CA ARG A 148 10.20 -11.73 1.78
C ARG A 148 9.41 -12.83 2.54
N LEU A 149 8.37 -12.46 3.25
CA LEU A 149 7.68 -13.42 4.07
C LEU A 149 6.57 -14.10 3.33
N PHE A 150 6.00 -13.44 2.37
CA PHE A 150 4.85 -14.00 1.68
C PHE A 150 5.05 -13.75 0.22
N SER A 151 4.65 -14.67 -0.62
CA SER A 151 4.80 -14.42 -2.07
C SER A 151 3.88 -15.30 -2.91
N HIS A 152 3.00 -14.63 -3.67
CA HIS A 152 2.13 -15.35 -4.55
C HIS A 152 2.01 -14.62 -5.86
N HIS A 153 2.49 -15.24 -6.92
CA HIS A 153 2.47 -14.64 -8.23
C HIS A 153 1.62 -15.48 -9.12
N GLU A 154 0.52 -14.95 -9.62
CA GLU A 154 -0.23 -15.72 -10.57
C GLU A 154 -0.39 -14.93 -11.82
N GLN A 155 -1.21 -15.49 -12.70
CA GLN A 155 -1.38 -14.91 -14.00
C GLN A 155 -2.11 -13.54 -13.93
N ASP A 156 -3.05 -13.43 -13.01
CA ASP A 156 -3.84 -12.20 -12.88
C ASP A 156 -3.16 -11.12 -12.02
N PHE A 157 -2.46 -11.53 -10.97
CA PHE A 157 -1.88 -10.57 -10.04
C PHE A 157 -0.64 -11.04 -9.27
N LEU A 158 0.12 -10.10 -8.71
CA LEU A 158 1.22 -10.46 -7.86
C LEU A 158 1.03 -9.91 -6.46
N LEU A 159 1.50 -10.66 -5.48
CA LEU A 159 1.30 -10.30 -4.08
C LEU A 159 2.59 -10.63 -3.30
N ASP A 160 3.05 -9.71 -2.47
CA ASP A 160 4.32 -9.89 -1.73
C ASP A 160 4.31 -9.13 -0.39
N LEU A 161 4.91 -9.74 0.63
CA LEU A 161 5.11 -9.07 1.88
C LEU A 161 6.59 -9.08 2.28
N TRP A 162 7.12 -7.90 2.54
CA TRP A 162 8.47 -7.79 3.10
C TRP A 162 8.46 -7.43 4.58
N SER A 163 9.39 -7.95 5.35
CA SER A 163 9.45 -7.50 6.73
C SER A 163 10.87 -7.28 7.26
N ARG A 164 10.93 -6.62 8.43
CA ARG A 164 12.07 -6.66 9.34
C ARG A 164 11.57 -6.79 10.82
#